data_4ROS
#
_entry.id   4ROS
#
_cell.length_a   108.396
_cell.length_b   108.396
_cell.length_c   104.014
_cell.angle_alpha   90.00
_cell.angle_beta   90.00
_cell.angle_gamma   120.00
#
_symmetry.space_group_name_H-M   'P 64 2 2'
#
loop_
_entity.id
_entity.type
_entity.pdbx_description
1 polymer 'Malate dehydrogenase'
2 non-polymer 'CALCIUM ION'
3 non-polymer 'OXALOACETATE ION'
4 non-polymer ADENOSINE-5-DIPHOSPHORIBOSE
5 water water
#
_entity_poly.entity_id   1
_entity_poly.type   'polypeptide(L)'
_entity_poly.pdbx_seq_one_letter_code
;MARSKIALIGAGQIGGTLAHLAGLKELGDVVLFDIVDGVPQGKALDIAESAPVDGFDAKYSGASDYSAIAGADVVIVTAG
VPRKPGMSRDDLIGINLKVMEAVGAGIKEHAPDAFVICITNPLDAMVWALQKFSGLPTNKVVGMAGVLDSARFRHFLAEE
FGVSVEDVTAFVLGGHGDDMVPLTRYSTVAGVPLTDLVKLGWTTQEKLDAMVERTRKGGGEIVNLLKTGSAFYAPAASAI
AMAESYLRDKKRVLPCAAYLDGQYGIDGLYVGVPVVIGENGVERVLEVTFNDDEKAMFEKSVNSVKGLIEACKSVNDKLA
;
_entity_poly.pdbx_strand_id   A
#
loop_
_chem_comp.id
_chem_comp.type
_chem_comp.name
_chem_comp.formula
APR non-polymer ADENOSINE-5-DIPHOSPHORIBOSE 'C15 H23 N5 O14 P2'
CA non-polymer 'CALCIUM ION' 'Ca 2'
OAA non-polymer 'OXALOACETATE ION' 'C4 H3 O5 -1'
#
# COMPACT_ATOMS: atom_id res chain seq x y z
N ALA A 2 1.19 26.98 4.66
CA ALA A 2 2.51 26.36 4.41
C ALA A 2 2.70 24.98 5.06
N ARG A 3 1.84 24.47 5.97
CA ARG A 3 2.02 23.02 6.33
C ARG A 3 1.63 22.21 5.14
N SER A 4 2.24 21.05 5.01
CA SER A 4 1.79 20.05 4.04
C SER A 4 0.32 19.71 4.25
N LYS A 5 -0.33 19.38 3.17
CA LYS A 5 -1.77 19.01 3.19
C LYS A 5 -1.88 17.58 2.62
N ILE A 6 -2.56 16.71 3.39
CA ILE A 6 -2.77 15.32 3.05
C ILE A 6 -4.25 15.11 2.87
N ALA A 7 -4.64 14.59 1.70
CA ALA A 7 -6.04 14.33 1.46
C ALA A 7 -6.24 12.84 1.45
N LEU A 8 -7.21 12.42 2.21
CA LEU A 8 -7.57 11.00 2.40
C LEU A 8 -8.90 10.72 1.71
N ILE A 9 -8.84 9.99 0.60
CA ILE A 9 -10.05 9.75 -0.22
C ILE A 9 -10.56 8.42 0.22
N GLY A 10 -11.64 8.45 0.98
CA GLY A 10 -12.18 7.29 1.73
C GLY A 10 -11.88 7.54 3.19
N ALA A 11 -12.91 7.51 4.02
CA ALA A 11 -12.89 7.81 5.41
C ALA A 11 -13.40 6.68 6.25
N GLY A 12 -13.22 5.47 5.74
CA GLY A 12 -13.51 4.25 6.40
C GLY A 12 -12.47 3.77 7.41
N GLN A 13 -12.36 2.45 7.50
CA GLN A 13 -11.51 1.80 8.49
C GLN A 13 -10.04 2.23 8.28
N ILE A 14 -9.54 2.08 7.06
CA ILE A 14 -8.17 2.48 6.82
C ILE A 14 -8.07 4.02 6.85
N GLY A 15 -9.01 4.70 6.20
CA GLY A 15 -8.99 6.13 6.07
C GLY A 15 -8.87 6.84 7.43
N GLY A 16 -9.71 6.45 8.38
CA GLY A 16 -9.63 7.01 9.71
C GLY A 16 -8.29 6.80 10.44
N THR A 17 -7.79 5.57 10.30
CA THR A 17 -6.53 5.18 10.88
C THR A 17 -5.40 6.02 10.24
N LEU A 18 -5.43 6.20 8.92
CA LEU A 18 -4.47 7.11 8.26
C LEU A 18 -4.52 8.52 8.85
N ALA A 19 -5.71 9.05 9.08
CA ALA A 19 -5.81 10.37 9.57
C ALA A 19 -5.20 10.49 10.93
N HIS A 20 -5.45 9.51 11.77
CA HIS A 20 -5.00 9.52 13.17
C HIS A 20 -3.50 9.49 13.20
N LEU A 21 -2.94 8.61 12.38
CA LEU A 21 -1.46 8.53 12.29
C LEU A 21 -0.78 9.71 11.68
N ALA A 22 -1.40 10.37 10.71
CA ALA A 22 -0.84 11.56 10.15
C ALA A 22 -0.71 12.64 11.20
N GLY A 23 -1.69 12.74 12.11
CA GLY A 23 -1.58 13.67 13.22
C GLY A 23 -0.51 13.34 14.22
N LEU A 24 -0.53 12.08 14.66
CA LEU A 24 0.41 11.66 15.67
C LEU A 24 1.82 11.87 15.16
N LYS A 25 2.06 11.61 13.88
CA LYS A 25 3.41 11.86 13.30
C LYS A 25 3.65 13.29 12.82
N GLU A 26 2.67 14.14 13.02
CA GLU A 26 2.74 15.55 12.67
C GLU A 26 3.18 15.78 11.25
N LEU A 27 2.54 15.05 10.33
CA LEU A 27 2.86 15.12 8.93
C LEU A 27 2.22 16.32 8.25
N GLY A 28 1.14 16.86 8.80
CA GLY A 28 0.50 18.03 8.19
C GLY A 28 -0.99 18.13 8.46
N ASP A 29 -1.68 18.95 7.69
CA ASP A 29 -3.14 19.10 7.76
C ASP A 29 -3.76 17.97 7.01
N VAL A 30 -4.95 17.60 7.46
CA VAL A 30 -5.64 16.48 6.94
C VAL A 30 -7.07 16.83 6.51
N VAL A 31 -7.42 16.38 5.32
CA VAL A 31 -8.79 16.40 4.81
C VAL A 31 -9.24 14.98 4.58
N LEU A 32 -10.34 14.57 5.20
CA LEU A 32 -10.96 13.32 4.92
C LEU A 32 -12.16 13.51 3.95
N PHE A 33 -12.21 12.69 2.92
CA PHE A 33 -13.21 12.79 1.86
C PHE A 33 -13.96 11.47 1.83
N ASP A 34 -15.28 11.53 1.70
CA ASP A 34 -16.06 10.32 1.52
C ASP A 34 -17.42 10.70 0.84
N ILE A 35 -18.11 9.70 0.30
CA ILE A 35 -19.48 9.92 -0.24
C ILE A 35 -20.54 9.76 0.83
N VAL A 36 -20.25 9.04 1.93
CA VAL A 36 -21.21 8.98 3.02
C VAL A 36 -21.04 10.23 3.83
N ASP A 37 -22.06 11.10 3.84
CA ASP A 37 -21.91 12.40 4.45
C ASP A 37 -22.00 12.24 5.98
N GLY A 38 -21.27 13.10 6.73
CA GLY A 38 -21.23 12.99 8.17
C GLY A 38 -20.01 12.18 8.71
N VAL A 39 -19.75 11.08 8.07
CA VAL A 39 -18.63 10.17 8.45
C VAL A 39 -17.27 10.91 8.40
N PRO A 40 -16.90 11.57 7.26
CA PRO A 40 -15.59 12.19 7.36
C PRO A 40 -15.53 13.40 8.25
N GLN A 41 -16.65 14.09 8.45
CA GLN A 41 -16.65 15.22 9.31
C GLN A 41 -16.51 14.78 10.73
N GLY A 42 -17.09 13.62 11.04
CA GLY A 42 -17.13 13.10 12.39
C GLY A 42 -15.76 12.63 12.82
N LYS A 43 -15.16 11.89 11.93
CA LYS A 43 -13.87 11.31 12.27
C LYS A 43 -12.86 12.45 12.37
N ALA A 44 -12.91 13.39 11.44
CA ALA A 44 -12.08 14.56 11.49
C ALA A 44 -12.16 15.32 12.80
N LEU A 45 -13.37 15.59 13.26
CA LEU A 45 -13.53 16.33 14.50
C LEU A 45 -13.10 15.52 15.72
N ASP A 46 -13.30 14.22 15.68
CA ASP A 46 -12.93 13.34 16.80
C ASP A 46 -11.39 13.33 16.95
N ILE A 47 -10.70 13.15 15.82
CA ILE A 47 -9.22 13.23 15.85
C ILE A 47 -8.72 14.63 16.24
N ALA A 48 -9.27 15.68 15.66
CA ALA A 48 -8.98 17.06 16.12
C ALA A 48 -9.10 17.26 17.61
N GLU A 49 -10.16 16.63 18.17
CA GLU A 49 -10.41 16.73 19.59
C GLU A 49 -9.43 15.91 20.41
N SER A 50 -8.83 14.89 19.85
CA SER A 50 -7.78 14.12 20.50
C SER A 50 -6.47 14.84 20.56
N ALA A 51 -6.25 15.74 19.59
CA ALA A 51 -4.92 16.37 19.42
C ALA A 51 -4.33 17.01 20.69
N PRO A 52 -5.12 17.76 21.47
CA PRO A 52 -4.50 18.40 22.64
C PRO A 52 -3.94 17.38 23.61
N VAL A 53 -4.46 16.14 23.62
CA VAL A 53 -3.95 15.14 24.56
C VAL A 53 -2.53 14.79 24.18
N ASP A 54 -2.23 14.69 22.91
CA ASP A 54 -0.89 14.22 22.43
C ASP A 54 0.09 15.33 22.00
N GLY A 55 -0.44 16.51 21.80
CA GLY A 55 0.30 17.73 21.57
C GLY A 55 0.57 18.02 20.10
N PHE A 56 -0.15 17.38 19.17
CA PHE A 56 0.12 17.65 17.76
C PHE A 56 -0.82 18.73 17.20
N ASP A 57 -0.25 19.62 16.39
CA ASP A 57 -1.01 20.70 15.76
C ASP A 57 -1.24 20.33 14.29
N ALA A 58 -2.50 20.10 13.93
CA ALA A 58 -2.89 19.78 12.57
C ALA A 58 -4.31 20.14 12.38
N LYS A 59 -4.63 20.68 11.22
CA LYS A 59 -5.99 21.04 10.97
C LYS A 59 -6.70 19.80 10.41
N TYR A 60 -7.96 19.53 10.81
CA TYR A 60 -8.68 18.38 10.33
C TYR A 60 -10.03 18.84 9.80
N SER A 61 -10.40 18.37 8.63
CA SER A 61 -11.76 18.60 8.12
C SER A 61 -12.27 17.44 7.34
N GLY A 62 -13.58 17.39 7.22
CA GLY A 62 -14.25 16.36 6.45
C GLY A 62 -15.04 17.00 5.30
N ALA A 63 -15.15 16.28 4.18
CA ALA A 63 -15.87 16.74 2.97
C ALA A 63 -16.39 15.64 2.11
N SER A 64 -17.39 15.98 1.28
CA SER A 64 -17.86 15.08 0.26
C SER A 64 -17.84 15.77 -1.08
N ASP A 65 -17.15 16.90 -1.17
CA ASP A 65 -16.87 17.58 -2.41
C ASP A 65 -15.34 17.62 -2.74
N TYR A 66 -14.96 17.30 -3.96
CA TYR A 66 -13.52 17.14 -4.30
C TYR A 66 -12.74 18.40 -4.26
N SER A 67 -13.42 19.55 -4.29
CA SER A 67 -12.75 20.84 -4.22
C SER A 67 -12.03 20.93 -2.87
N ALA A 68 -12.51 20.20 -1.87
CA ALA A 68 -11.89 20.21 -0.53
C ALA A 68 -10.44 19.73 -0.58
N ILE A 69 -10.12 18.90 -1.59
CA ILE A 69 -8.76 18.36 -1.67
C ILE A 69 -7.77 19.27 -2.34
N ALA A 70 -8.20 20.47 -2.74
CA ALA A 70 -7.37 21.33 -3.58
C ALA A 70 -5.99 21.53 -3.07
N GLY A 71 -5.02 21.37 -3.94
CA GLY A 71 -3.64 21.62 -3.58
C GLY A 71 -3.01 20.58 -2.64
N ALA A 72 -3.61 19.40 -2.49
CA ALA A 72 -3.02 18.42 -1.53
C ALA A 72 -1.62 17.99 -1.98
N ASP A 73 -0.69 17.87 -1.03
CA ASP A 73 0.66 17.41 -1.34
C ASP A 73 0.72 15.89 -1.52
N VAL A 74 -0.10 15.15 -0.76
CA VAL A 74 -0.20 13.73 -0.83
C VAL A 74 -1.69 13.42 -0.78
N VAL A 75 -2.07 12.39 -1.53
CA VAL A 75 -3.44 11.94 -1.53
C VAL A 75 -3.39 10.46 -1.29
N ILE A 76 -4.13 9.95 -0.32
CA ILE A 76 -4.17 8.49 -0.10
C ILE A 76 -5.58 7.93 -0.34
N VAL A 77 -5.69 6.91 -1.22
CA VAL A 77 -7.00 6.48 -1.70
C VAL A 77 -7.32 5.09 -1.16
N THR A 78 -8.32 5.06 -0.32
CA THR A 78 -8.95 3.84 0.17
C THR A 78 -10.40 3.66 -0.27
N ALA A 79 -10.89 4.58 -1.08
CA ALA A 79 -12.29 4.56 -1.44
C ALA A 79 -12.65 3.30 -2.18
N GLY A 80 -13.85 2.76 -1.93
CA GLY A 80 -14.27 1.53 -2.59
C GLY A 80 -14.81 0.61 -1.52
N VAL A 81 -14.71 -0.68 -1.81
CA VAL A 81 -15.23 -1.67 -0.88
C VAL A 81 -14.12 -2.66 -0.53
N PRO A 82 -14.19 -3.18 0.68
CA PRO A 82 -13.34 -4.31 1.09
C PRO A 82 -14.00 -5.66 0.90
N ARG A 83 -13.20 -6.70 1.09
CA ARG A 83 -13.62 -8.08 1.10
C ARG A 83 -14.39 -8.53 2.34
N LYS A 84 -15.21 -9.58 2.14
CA LYS A 84 -15.88 -10.31 3.20
C LYS A 84 -15.26 -11.72 3.19
N PRO A 85 -15.50 -12.52 4.24
CA PRO A 85 -14.92 -13.85 4.27
C PRO A 85 -15.36 -14.62 2.99
N GLY A 86 -14.48 -15.40 2.40
CA GLY A 86 -14.83 -16.16 1.20
C GLY A 86 -14.45 -15.50 -0.08
N MET A 87 -14.21 -14.17 -0.10
CA MET A 87 -13.90 -13.47 -1.36
C MET A 87 -12.39 -13.35 -1.57
N SER A 88 -11.95 -13.35 -2.83
CA SER A 88 -10.59 -12.91 -3.20
C SER A 88 -10.63 -11.39 -3.41
N ARG A 89 -9.46 -10.76 -3.46
CA ARG A 89 -9.37 -9.31 -3.79
C ARG A 89 -9.87 -9.04 -5.23
N ASP A 90 -9.61 -9.97 -6.14
CA ASP A 90 -10.07 -9.73 -7.50
C ASP A 90 -11.66 -9.70 -7.65
N ASP A 91 -12.40 -10.24 -6.70
CA ASP A 91 -13.85 -10.10 -6.72
C ASP A 91 -14.27 -8.67 -6.49
N LEU A 92 -13.36 -7.75 -6.17
CA LEU A 92 -13.72 -6.36 -5.89
C LEU A 92 -13.64 -5.44 -7.12
N ILE A 93 -13.18 -5.95 -8.26
CA ILE A 93 -12.89 -5.10 -9.44
C ILE A 93 -14.09 -4.33 -9.94
N GLY A 94 -15.24 -4.98 -9.97
CA GLY A 94 -16.38 -4.39 -10.67
C GLY A 94 -16.74 -3.06 -10.03
N ILE A 95 -16.94 -3.13 -8.72
CA ILE A 95 -17.25 -1.96 -7.95
C ILE A 95 -16.05 -1.03 -7.93
N ASN A 96 -14.89 -1.56 -7.53
CA ASN A 96 -13.76 -0.67 -7.30
C ASN A 96 -13.21 0.04 -8.52
N LEU A 97 -13.30 -0.53 -9.71
CA LEU A 97 -12.76 0.13 -10.91
C LEU A 97 -13.52 1.43 -11.18
N LYS A 98 -14.81 1.36 -10.95
CA LYS A 98 -15.69 2.49 -11.16
C LYS A 98 -15.37 3.58 -10.11
N VAL A 99 -15.03 3.14 -8.91
CA VAL A 99 -14.62 4.13 -7.89
C VAL A 99 -13.32 4.86 -8.34
N MET A 100 -12.36 4.11 -8.86
CA MET A 100 -11.09 4.69 -9.26
C MET A 100 -11.33 5.74 -10.37
N GLU A 101 -12.31 5.47 -11.22
CA GLU A 101 -12.64 6.41 -12.28
C GLU A 101 -13.06 7.76 -11.74
N ALA A 102 -13.94 7.76 -10.78
CA ALA A 102 -14.37 9.02 -10.15
C ALA A 102 -13.26 9.72 -9.36
N VAL A 103 -12.53 8.89 -8.61
CA VAL A 103 -11.42 9.42 -7.79
C VAL A 103 -10.38 10.03 -8.66
N GLY A 104 -9.96 9.30 -9.68
CA GLY A 104 -9.05 9.81 -10.66
C GLY A 104 -9.42 11.14 -11.27
N ALA A 105 -10.71 11.33 -11.58
CA ALA A 105 -11.19 12.61 -12.11
C ALA A 105 -11.10 13.71 -11.03
N GLY A 106 -11.40 13.40 -9.78
CA GLY A 106 -11.27 14.41 -8.71
C GLY A 106 -9.84 14.88 -8.49
N ILE A 107 -8.87 13.94 -8.57
CA ILE A 107 -7.47 14.25 -8.43
C ILE A 107 -7.01 15.07 -9.60
N LYS A 108 -7.33 14.60 -10.81
CA LYS A 108 -6.89 15.31 -12.03
C LYS A 108 -7.32 16.79 -11.92
N GLU A 109 -8.56 17.01 -11.56
CA GLU A 109 -9.00 18.38 -11.48
C GLU A 109 -8.47 19.19 -10.29
N HIS A 110 -8.38 18.62 -9.09
CA HIS A 110 -8.11 19.44 -7.89
C HIS A 110 -6.77 19.25 -7.20
N ALA A 111 -6.09 18.12 -7.41
CA ALA A 111 -4.79 17.96 -6.78
C ALA A 111 -3.81 17.32 -7.75
N PRO A 112 -3.67 17.90 -8.93
CA PRO A 112 -2.86 17.31 -9.99
C PRO A 112 -1.33 17.25 -9.66
N ASP A 113 -0.85 18.01 -8.67
CA ASP A 113 0.56 17.91 -8.29
C ASP A 113 0.78 16.99 -7.08
N ALA A 114 -0.27 16.28 -6.64
CA ALA A 114 -0.12 15.38 -5.49
C ALA A 114 0.74 14.18 -5.75
N PHE A 115 1.38 13.68 -4.68
CA PHE A 115 1.88 12.29 -4.65
C PHE A 115 0.72 11.43 -4.17
N VAL A 116 0.33 10.46 -5.02
CA VAL A 116 -0.87 9.68 -4.77
C VAL A 116 -0.46 8.25 -4.41
N ILE A 117 -0.97 7.77 -3.28
CA ILE A 117 -0.78 6.42 -2.80
C ILE A 117 -2.11 5.73 -2.82
N CYS A 118 -2.20 4.67 -3.62
CA CYS A 118 -3.42 3.89 -3.77
C CYS A 118 -3.35 2.65 -2.86
N ILE A 119 -4.42 2.40 -2.16
CA ILE A 119 -4.57 1.22 -1.31
C ILE A 119 -5.72 0.30 -1.78
N THR A 120 -6.77 0.92 -2.35
CA THR A 120 -7.96 0.16 -2.76
C THR A 120 -7.61 -1.06 -3.59
N ASN A 121 -8.26 -2.17 -3.27
CA ASN A 121 -7.97 -3.48 -3.89
C ASN A 121 -8.90 -3.76 -5.10
N PRO A 122 -8.50 -4.65 -6.02
CA PRO A 122 -7.19 -5.37 -6.06
C PRO A 122 -6.06 -4.41 -6.51
N LEU A 123 -5.04 -4.33 -5.69
CA LEU A 123 -4.22 -3.09 -5.66
C LEU A 123 -3.43 -2.86 -6.93
N ASP A 124 -2.72 -3.87 -7.42
CA ASP A 124 -1.88 -3.67 -8.66
C ASP A 124 -2.73 -3.21 -9.90
N ALA A 125 -3.93 -3.75 -10.02
CA ALA A 125 -4.88 -3.28 -11.04
C ALA A 125 -5.48 -1.85 -10.78
N MET A 126 -5.89 -1.63 -9.54
CA MET A 126 -6.52 -0.37 -9.17
C MET A 126 -5.58 0.80 -9.31
N VAL A 127 -4.31 0.62 -8.96
CA VAL A 127 -3.40 1.74 -9.03
C VAL A 127 -3.08 2.02 -10.50
N TRP A 128 -2.86 0.98 -11.31
CA TRP A 128 -2.70 1.13 -12.79
C TRP A 128 -3.90 1.93 -13.37
N ALA A 129 -5.10 1.56 -12.97
CA ALA A 129 -6.30 2.29 -13.38
C ALA A 129 -6.33 3.77 -12.97
N LEU A 130 -5.95 4.03 -11.71
CA LEU A 130 -6.10 5.32 -11.14
C LEU A 130 -5.10 6.26 -11.78
N GLN A 131 -3.99 5.72 -12.21
CA GLN A 131 -3.00 6.53 -12.83
C GLN A 131 -3.48 6.95 -14.23
N LYS A 132 -4.16 6.02 -14.91
CA LYS A 132 -4.68 6.33 -16.25
C LYS A 132 -5.82 7.32 -16.16
N PHE A 133 -6.77 7.06 -15.29
CA PHE A 133 -7.89 7.97 -15.12
C PHE A 133 -7.46 9.32 -14.71
N SER A 134 -6.45 9.42 -13.86
CA SER A 134 -6.09 10.70 -13.34
C SER A 134 -5.17 11.43 -14.29
N GLY A 135 -4.42 10.66 -15.06
CA GLY A 135 -3.37 11.29 -15.90
C GLY A 135 -2.12 11.86 -15.18
N LEU A 136 -1.91 11.56 -13.92
CA LEU A 136 -0.69 12.10 -13.25
C LEU A 136 0.57 11.39 -13.71
N PRO A 137 1.72 12.02 -13.55
CA PRO A 137 2.91 11.33 -13.96
C PRO A 137 3.03 10.01 -13.18
N THR A 138 3.55 8.97 -13.84
CA THR A 138 3.68 7.64 -13.26
C THR A 138 4.58 7.59 -12.00
N ASN A 139 5.59 8.44 -11.89
CA ASN A 139 6.40 8.47 -10.69
C ASN A 139 5.73 9.11 -9.49
N LYS A 140 4.51 9.65 -9.69
CA LYS A 140 3.78 10.35 -8.65
C LYS A 140 2.57 9.58 -8.24
N VAL A 141 2.45 8.40 -8.74
CA VAL A 141 1.34 7.54 -8.41
C VAL A 141 1.89 6.13 -8.04
N VAL A 142 1.58 5.64 -6.82
CA VAL A 142 2.12 4.33 -6.33
C VAL A 142 1.08 3.60 -5.55
N GLY A 143 1.32 2.32 -5.45
CA GLY A 143 0.40 1.47 -4.72
C GLY A 143 1.06 0.98 -3.44
N MET A 144 0.32 1.09 -2.37
CA MET A 144 0.74 0.42 -1.12
C MET A 144 0.36 -1.07 -1.12
N ALA A 145 1.38 -1.93 -1.08
CA ALA A 145 1.13 -3.35 -0.82
C ALA A 145 2.28 -4.09 -0.15
N GLY A 146 3.43 -4.06 -0.80
CA GLY A 146 4.59 -4.82 -0.34
C GLY A 146 5.05 -4.44 1.05
N VAL A 147 4.78 -3.21 1.48
CA VAL A 147 5.24 -2.81 2.82
C VAL A 147 4.35 -3.56 3.83
N LEU A 148 3.07 -3.67 3.55
CA LEU A 148 2.20 -4.47 4.37
C LEU A 148 2.62 -5.95 4.40
N ASP A 149 2.70 -6.58 3.22
CA ASP A 149 3.13 -7.94 3.14
C ASP A 149 4.46 -8.19 3.90
N SER A 150 5.41 -7.30 3.68
CA SER A 150 6.72 -7.39 4.30
C SER A 150 6.65 -7.21 5.81
N ALA A 151 5.80 -6.33 6.27
CA ALA A 151 5.63 -6.16 7.69
C ALA A 151 4.98 -7.38 8.38
N ARG A 152 4.04 -8.05 7.68
CA ARG A 152 3.49 -9.30 8.23
C ARG A 152 4.60 -10.33 8.38
N PHE A 153 5.37 -10.52 7.32
CA PHE A 153 6.47 -11.47 7.33
C PHE A 153 7.46 -11.12 8.48
N ARG A 154 7.80 -9.85 8.63
CA ARG A 154 8.68 -9.40 9.71
CA ARG A 154 8.69 -9.42 9.70
C ARG A 154 8.13 -9.73 11.07
N HIS A 155 6.82 -9.49 11.29
CA HIS A 155 6.19 -9.92 12.55
C HIS A 155 6.38 -11.41 12.80
N PHE A 156 6.11 -12.23 11.80
CA PHE A 156 6.10 -13.67 12.01
C PHE A 156 7.56 -14.06 12.31
N LEU A 157 8.48 -13.43 11.61
CA LEU A 157 9.87 -13.75 11.82
C LEU A 157 10.40 -13.31 13.18
N ALA A 158 9.97 -12.14 13.66
CA ALA A 158 10.40 -11.64 14.92
C ALA A 158 9.93 -12.63 16.02
N GLU A 159 8.70 -13.05 15.92
CA GLU A 159 8.17 -14.06 16.81
C GLU A 159 8.99 -15.33 16.77
N GLU A 160 9.31 -15.81 15.58
CA GLU A 160 9.99 -17.08 15.44
C GLU A 160 11.36 -17.05 16.07
N PHE A 161 12.12 -15.98 15.85
CA PHE A 161 13.49 -15.91 16.32
C PHE A 161 13.60 -15.28 17.69
N GLY A 162 12.49 -14.73 18.19
CA GLY A 162 12.49 -14.06 19.53
C GLY A 162 13.40 -12.85 19.53
N VAL A 163 13.32 -12.04 18.47
CA VAL A 163 14.08 -10.80 18.35
C VAL A 163 13.21 -9.58 18.05
N SER A 164 13.80 -8.37 18.23
CA SER A 164 13.13 -7.11 18.00
C SER A 164 12.69 -7.06 16.53
N VAL A 165 11.47 -6.59 16.30
CA VAL A 165 11.00 -6.18 14.97
C VAL A 165 11.87 -5.15 14.31
N GLU A 166 12.65 -4.38 15.07
CA GLU A 166 13.50 -3.41 14.44
C GLU A 166 14.65 -4.05 13.74
N ASP A 167 15.01 -5.31 14.04
CA ASP A 167 16.23 -5.83 13.49
C ASP A 167 15.93 -6.92 12.41
N VAL A 168 14.65 -7.07 12.06
CA VAL A 168 14.22 -7.93 10.98
C VAL A 168 13.85 -7.16 9.72
N THR A 169 14.21 -7.73 8.55
CA THR A 169 14.04 -7.15 7.23
C THR A 169 13.31 -8.21 6.39
N ALA A 170 12.37 -7.75 5.59
CA ALA A 170 11.78 -8.61 4.59
C ALA A 170 11.62 -7.93 3.25
N PHE A 171 11.82 -8.74 2.26
CA PHE A 171 11.73 -8.38 0.89
C PHE A 171 10.60 -9.23 0.27
N VAL A 172 9.47 -8.62 -0.02
CA VAL A 172 8.33 -9.27 -0.69
C VAL A 172 7.96 -8.51 -1.96
N LEU A 173 8.09 -9.13 -3.15
CA LEU A 173 7.75 -8.48 -4.41
C LEU A 173 6.50 -9.10 -5.09
N GLY A 174 6.12 -8.50 -6.21
CA GLY A 174 5.06 -9.02 -7.04
C GLY A 174 3.72 -8.42 -6.69
N GLY A 175 2.68 -9.04 -7.26
CA GLY A 175 1.35 -8.78 -6.88
C GLY A 175 1.08 -8.79 -5.39
N HIS A 176 0.18 -7.89 -5.01
CA HIS A 176 -0.46 -8.02 -3.69
C HIS A 176 -1.54 -9.11 -3.74
N GLY A 177 -1.10 -10.36 -3.77
CA GLY A 177 -1.99 -11.48 -4.17
C GLY A 177 -1.46 -12.73 -3.57
N ASP A 178 -2.26 -13.81 -3.64
CA ASP A 178 -1.85 -15.17 -3.27
C ASP A 178 -0.48 -15.47 -3.79
N ASP A 179 -0.13 -14.99 -4.97
CA ASP A 179 1.18 -15.28 -5.57
C ASP A 179 2.29 -14.15 -5.35
N MET A 180 2.11 -13.26 -4.39
CA MET A 180 3.21 -12.40 -4.08
C MET A 180 4.48 -13.23 -3.81
N VAL A 181 5.66 -12.65 -3.99
CA VAL A 181 6.92 -13.36 -3.79
C VAL A 181 7.83 -12.87 -2.64
N PRO A 182 7.70 -13.48 -1.45
CA PRO A 182 8.70 -13.24 -0.37
C PRO A 182 10.01 -13.85 -0.71
N LEU A 183 11.09 -13.07 -0.61
CA LEU A 183 12.43 -13.51 -1.02
C LEU A 183 13.21 -13.82 0.22
N THR A 184 13.34 -15.11 0.52
CA THR A 184 13.90 -15.49 1.82
C THR A 184 15.38 -15.13 1.87
N ARG A 185 15.99 -15.15 0.70
CA ARG A 185 17.38 -14.83 0.52
C ARG A 185 17.72 -13.35 0.81
N TYR A 186 16.73 -12.47 0.60
CA TYR A 186 16.88 -11.03 0.81
C TYR A 186 16.06 -10.50 2.02
N SER A 187 15.61 -11.40 2.89
CA SER A 187 15.05 -11.11 4.18
C SER A 187 16.08 -11.51 5.26
N THR A 188 16.16 -10.76 6.34
CA THR A 188 17.29 -10.93 7.27
C THR A 188 16.91 -10.67 8.72
N VAL A 189 17.71 -11.22 9.61
CA VAL A 189 17.80 -10.75 10.97
C VAL A 189 19.16 -10.05 11.11
N ALA A 190 19.14 -8.75 11.40
CA ALA A 190 20.39 -7.98 11.56
C ALA A 190 21.39 -8.16 10.39
N GLY A 191 20.90 -8.35 9.17
CA GLY A 191 21.81 -8.51 8.03
C GLY A 191 22.10 -9.94 7.63
N VAL A 192 21.79 -10.90 8.48
CA VAL A 192 22.01 -12.34 8.16
C VAL A 192 20.78 -12.89 7.46
N PRO A 193 20.95 -13.31 6.21
CA PRO A 193 19.82 -13.85 5.49
C PRO A 193 19.09 -15.04 6.16
N LEU A 194 17.77 -15.15 5.94
CA LEU A 194 17.00 -16.28 6.52
C LEU A 194 17.51 -17.68 6.13
N THR A 195 18.00 -17.78 4.90
CA THR A 195 18.57 -19.04 4.32
C THR A 195 19.82 -19.40 5.16
N ASP A 196 20.57 -18.38 5.60
CA ASP A 196 21.72 -18.66 6.53
C ASP A 196 21.31 -19.01 7.92
N LEU A 197 20.24 -18.40 8.41
CA LEU A 197 19.67 -18.77 9.70
C LEU A 197 19.12 -20.19 9.78
N VAL A 198 18.57 -20.69 8.71
CA VAL A 198 18.17 -22.09 8.67
C VAL A 198 19.46 -22.93 8.89
N LYS A 199 20.51 -22.60 8.17
CA LYS A 199 21.77 -23.36 8.31
C LYS A 199 22.36 -23.38 9.70
N LEU A 200 22.25 -22.24 10.35
CA LEU A 200 22.77 -22.04 11.72
C LEU A 200 21.83 -22.73 12.73
N GLY A 201 20.68 -23.21 12.26
CA GLY A 201 19.71 -23.83 13.15
C GLY A 201 18.87 -22.89 13.96
N TRP A 202 18.89 -21.59 13.63
CA TRP A 202 17.98 -20.63 14.34
C TRP A 202 16.53 -20.85 14.00
N THR A 203 16.28 -21.54 12.87
CA THR A 203 14.92 -21.96 12.56
C THR A 203 15.07 -23.17 11.65
N THR A 204 13.95 -23.66 11.13
CA THR A 204 13.96 -24.76 10.14
C THR A 204 13.45 -24.34 8.81
N GLN A 205 13.77 -25.12 7.76
CA GLN A 205 13.16 -24.87 6.43
C GLN A 205 11.66 -24.91 6.46
N GLU A 206 11.12 -25.85 7.19
CA GLU A 206 9.66 -26.05 7.20
C GLU A 206 9.02 -24.86 7.90
N LYS A 207 9.61 -24.38 8.96
CA LYS A 207 9.02 -23.20 9.64
C LYS A 207 9.07 -21.95 8.78
N LEU A 208 10.16 -21.77 8.07
CA LEU A 208 10.36 -20.73 7.11
C LEU A 208 9.32 -20.81 6.00
N ASP A 209 9.17 -21.96 5.36
CA ASP A 209 8.10 -22.15 4.39
C ASP A 209 6.74 -21.83 4.94
N ALA A 210 6.43 -22.27 6.16
CA ALA A 210 5.12 -21.92 6.75
C ALA A 210 4.91 -20.42 6.91
N MET A 211 5.93 -19.69 7.33
CA MET A 211 5.84 -18.23 7.44
C MET A 211 5.66 -17.49 6.12
N VAL A 212 6.32 -17.98 5.04
CA VAL A 212 6.16 -17.50 3.64
C VAL A 212 4.66 -17.70 3.28
N GLU A 213 4.15 -18.87 3.56
CA GLU A 213 2.73 -19.15 3.21
C GLU A 213 1.75 -18.26 4.03
N ARG A 214 2.04 -18.13 5.32
CA ARG A 214 1.19 -17.32 6.17
C ARG A 214 1.16 -15.87 5.72
N THR A 215 2.28 -15.40 5.20
CA THR A 215 2.41 -14.11 4.61
C THR A 215 1.51 -14.01 3.39
N ARG A 216 1.61 -15.00 2.47
CA ARG A 216 0.78 -14.98 1.26
C ARG A 216 -0.69 -14.93 1.63
N LYS A 217 -1.09 -15.59 2.70
CA LYS A 217 -2.52 -15.66 3.09
C LYS A 217 -2.91 -14.66 4.16
N GLY A 218 -1.99 -13.79 4.51
CA GLY A 218 -2.21 -12.85 5.65
C GLY A 218 -3.47 -12.00 5.69
N GLY A 219 -3.84 -11.44 4.56
CA GLY A 219 -5.02 -10.61 4.44
C GLY A 219 -6.26 -11.40 4.73
N GLY A 220 -6.30 -12.61 4.18
CA GLY A 220 -7.40 -13.46 4.43
C GLY A 220 -7.53 -13.90 5.87
N GLU A 221 -6.42 -14.14 6.52
CA GLU A 221 -6.37 -14.57 7.91
C GLU A 221 -7.07 -13.48 8.73
N ILE A 222 -6.81 -12.23 8.41
CA ILE A 222 -7.40 -11.11 9.19
C ILE A 222 -8.92 -10.97 8.84
N VAL A 223 -9.27 -11.13 7.56
CA VAL A 223 -10.72 -11.11 7.15
C VAL A 223 -11.53 -12.17 7.93
N ASN A 224 -10.97 -13.36 8.05
CA ASN A 224 -11.65 -14.47 8.66
C ASN A 224 -11.83 -14.28 10.15
N LEU A 225 -10.90 -13.55 10.77
CA LEU A 225 -11.06 -13.24 12.18
C LEU A 225 -12.07 -12.18 12.43
N LEU A 226 -11.99 -11.08 11.70
CA LEU A 226 -12.82 -9.91 11.98
C LEU A 226 -14.26 -10.13 11.50
N LYS A 227 -14.39 -10.75 10.32
CA LYS A 227 -15.70 -11.08 9.68
C LYS A 227 -16.47 -9.93 9.05
N THR A 228 -16.43 -8.76 9.66
CA THR A 228 -17.14 -7.59 9.15
C THR A 228 -16.28 -6.71 8.27
N GLY A 229 -15.03 -7.11 8.02
CA GLY A 229 -14.12 -6.26 7.23
C GLY A 229 -12.72 -6.84 7.26
N SER A 230 -11.78 -6.10 6.71
CA SER A 230 -10.43 -6.53 6.51
C SER A 230 -9.49 -5.65 7.36
N ALA A 231 -8.21 -5.97 7.25
CA ALA A 231 -7.17 -5.34 8.05
C ALA A 231 -7.14 -3.86 7.83
N PHE A 232 -6.80 -3.10 8.88
CA PHE A 232 -6.68 -1.68 8.70
C PHE A 232 -5.52 -0.97 9.42
N TYR A 233 -5.04 -1.52 10.52
CA TYR A 233 -3.93 -0.93 11.28
C TYR A 233 -2.64 -1.04 10.51
N ALA A 234 -2.31 -2.25 10.04
CA ALA A 234 -1.04 -2.45 9.33
C ALA A 234 -1.07 -1.83 7.93
N PRO A 235 -2.22 -1.94 7.19
CA PRO A 235 -2.28 -1.18 5.94
C PRO A 235 -2.09 0.32 6.10
N ALA A 236 -2.69 0.87 7.16
CA ALA A 236 -2.57 2.28 7.37
C ALA A 236 -1.12 2.65 7.70
N ALA A 237 -0.55 1.96 8.68
CA ALA A 237 0.89 2.22 9.05
C ALA A 237 1.82 2.20 7.81
N SER A 238 1.62 1.19 6.96
CA SER A 238 2.40 0.99 5.75
C SER A 238 2.29 2.14 4.81
N ALA A 239 1.07 2.70 4.62
CA ALA A 239 0.95 3.76 3.65
C ALA A 239 1.56 5.03 4.22
N ILE A 240 1.36 5.17 5.52
CA ILE A 240 1.88 6.35 6.22
C ILE A 240 3.46 6.41 6.08
N ALA A 241 4.11 5.26 6.14
CA ALA A 241 5.57 5.27 6.01
C ALA A 241 5.99 5.75 4.61
N MET A 242 5.20 5.40 3.61
CA MET A 242 5.44 5.82 2.23
C MET A 242 5.19 7.30 2.16
N ALA A 243 4.07 7.76 2.74
CA ALA A 243 3.82 9.20 2.77
C ALA A 243 4.87 10.03 3.46
N GLU A 244 5.32 9.57 4.60
CA GLU A 244 6.38 10.30 5.32
C GLU A 244 7.69 10.40 4.56
N SER A 245 8.01 9.35 3.84
CA SER A 245 9.25 9.33 3.03
C SER A 245 9.21 10.39 1.96
N TYR A 246 8.03 10.57 1.38
CA TYR A 246 7.82 11.65 0.41
C TYR A 246 7.89 13.03 1.04
N LEU A 247 7.08 13.26 2.07
CA LEU A 247 7.00 14.55 2.68
C LEU A 247 8.29 15.00 3.37
N ARG A 248 9.07 14.09 3.96
CA ARG A 248 10.31 14.39 4.58
C ARG A 248 11.55 14.06 3.73
N ASP A 249 11.32 13.72 2.47
CA ASP A 249 12.41 13.33 1.51
C ASP A 249 13.36 12.34 2.13
N LYS A 250 12.81 11.26 2.69
CA LYS A 250 13.67 10.32 3.48
C LYS A 250 14.46 9.40 2.59
N LYS A 251 13.96 9.15 1.36
CA LYS A 251 14.54 8.14 0.46
C LYS A 251 14.54 6.75 1.06
N ARG A 252 13.43 6.40 1.72
CA ARG A 252 13.20 5.06 2.16
C ARG A 252 13.23 4.16 0.92
N VAL A 253 13.74 2.95 1.11
CA VAL A 253 13.63 1.84 0.14
C VAL A 253 12.55 0.91 0.57
N LEU A 254 11.43 0.92 -0.15
CA LEU A 254 10.22 0.23 0.24
C LEU A 254 9.68 -0.57 -0.94
N PRO A 255 9.15 -1.79 -0.71
CA PRO A 255 8.47 -2.52 -1.82
C PRO A 255 7.07 -1.94 -2.03
N CYS A 256 6.84 -1.35 -3.17
CA CYS A 256 5.58 -0.74 -3.50
C CYS A 256 5.22 -1.12 -4.93
N ALA A 257 3.90 -1.06 -5.21
CA ALA A 257 3.40 -1.24 -6.57
C ALA A 257 3.73 0.06 -7.36
N ALA A 258 4.73 -0.07 -8.24
CA ALA A 258 5.30 1.02 -8.96
C ALA A 258 5.19 0.79 -10.48
N TYR A 259 5.10 1.89 -11.20
CA TYR A 259 5.06 1.81 -12.66
C TYR A 259 6.42 1.46 -13.24
N LEU A 260 6.49 0.38 -13.99
CA LEU A 260 7.75 -0.06 -14.55
C LEU A 260 7.91 0.36 -16.03
N ASP A 261 9.00 1.02 -16.41
CA ASP A 261 9.30 1.11 -17.84
C ASP A 261 10.60 0.37 -18.19
N GLY A 262 10.55 -0.94 -18.12
CA GLY A 262 11.72 -1.77 -18.51
C GLY A 262 12.39 -2.53 -17.38
N GLN A 263 12.28 -1.99 -16.15
CA GLN A 263 12.82 -2.67 -15.02
C GLN A 263 12.15 -4.01 -14.91
N TYR A 264 12.93 -4.98 -14.45
CA TYR A 264 12.51 -6.34 -14.26
C TYR A 264 11.95 -6.89 -15.57
N GLY A 265 12.31 -6.27 -16.70
CA GLY A 265 11.93 -6.68 -18.02
C GLY A 265 10.46 -6.47 -18.31
N ILE A 266 9.86 -5.50 -17.65
CA ILE A 266 8.45 -5.29 -17.72
C ILE A 266 8.22 -3.85 -18.12
N ASP A 267 7.22 -3.60 -18.97
CA ASP A 267 6.94 -2.21 -19.40
C ASP A 267 5.45 -1.93 -19.32
N GLY A 268 5.04 -0.86 -18.66
CA GLY A 268 3.65 -0.45 -18.75
C GLY A 268 2.72 -0.95 -17.69
N LEU A 269 3.22 -1.67 -16.65
CA LEU A 269 2.36 -2.17 -15.56
C LEU A 269 2.83 -1.61 -14.25
N TYR A 270 1.93 -1.57 -13.26
CA TYR A 270 2.31 -1.50 -11.85
C TYR A 270 2.52 -2.91 -11.30
N VAL A 271 3.67 -3.11 -10.65
CA VAL A 271 4.01 -4.35 -9.97
C VAL A 271 4.81 -3.99 -8.70
N GLY A 272 4.67 -4.80 -7.66
CA GLY A 272 5.39 -4.63 -6.43
C GLY A 272 6.90 -4.87 -6.59
N VAL A 273 7.67 -3.81 -6.41
CA VAL A 273 9.16 -3.86 -6.49
C VAL A 273 9.72 -2.89 -5.41
N PRO A 274 11.00 -3.02 -5.09
CA PRO A 274 11.62 -2.09 -4.16
C PRO A 274 11.90 -0.77 -4.85
N VAL A 275 11.48 0.32 -4.23
CA VAL A 275 11.59 1.63 -4.82
C VAL A 275 12.11 2.59 -3.77
N VAL A 276 12.81 3.62 -4.22
CA VAL A 276 13.27 4.73 -3.36
C VAL A 276 12.20 5.82 -3.46
N ILE A 277 11.64 6.26 -2.29
CA ILE A 277 10.63 7.32 -2.26
C ILE A 277 11.16 8.59 -1.59
N GLY A 278 11.20 9.69 -2.34
CA GLY A 278 11.58 10.98 -1.83
C GLY A 278 10.71 12.06 -2.38
N GLU A 279 11.20 13.29 -2.29
CA GLU A 279 10.46 14.48 -2.62
C GLU A 279 10.04 14.49 -4.11
N ASN A 280 10.67 13.74 -4.97
CA ASN A 280 10.27 13.64 -6.38
C ASN A 280 9.43 12.44 -6.66
N GLY A 281 8.92 11.77 -5.64
CA GLY A 281 8.07 10.55 -5.84
C GLY A 281 8.85 9.26 -5.89
N VAL A 282 8.47 8.36 -6.77
CA VAL A 282 9.26 7.16 -6.97
C VAL A 282 10.52 7.54 -7.70
N GLU A 283 11.66 7.56 -7.02
CA GLU A 283 12.90 8.14 -7.58
C GLU A 283 13.80 7.13 -8.30
N ARG A 284 13.73 5.88 -7.87
CA ARG A 284 14.56 4.77 -8.41
C ARG A 284 13.91 3.45 -8.06
N VAL A 285 14.08 2.46 -8.94
CA VAL A 285 13.67 1.10 -8.71
C VAL A 285 14.96 0.29 -8.49
N LEU A 286 14.98 -0.50 -7.41
CA LEU A 286 16.10 -1.40 -7.12
C LEU A 286 15.77 -2.72 -7.82
N GLU A 287 16.48 -3.00 -8.90
CA GLU A 287 16.29 -4.22 -9.67
C GLU A 287 17.29 -5.28 -9.26
N VAL A 288 16.85 -6.22 -8.44
CA VAL A 288 17.70 -7.32 -8.03
C VAL A 288 17.80 -8.41 -9.14
N THR A 289 18.83 -9.24 -9.04
CA THR A 289 19.07 -10.45 -9.88
C THR A 289 18.52 -11.65 -9.15
N PHE A 290 17.62 -12.36 -9.83
CA PHE A 290 16.88 -13.46 -9.32
C PHE A 290 17.61 -14.75 -9.64
N ASN A 291 17.41 -15.77 -8.83
CA ASN A 291 17.76 -17.15 -9.25
C ASN A 291 16.53 -17.76 -9.98
N ASP A 292 16.63 -18.99 -10.46
CA ASP A 292 15.58 -19.49 -11.38
C ASP A 292 14.24 -19.64 -10.67
N ASP A 293 14.26 -20.10 -9.43
CA ASP A 293 12.97 -20.25 -8.69
C ASP A 293 12.27 -18.89 -8.45
N GLU A 294 13.05 -17.89 -8.02
CA GLU A 294 12.54 -16.53 -7.76
C GLU A 294 12.00 -15.89 -9.04
N LYS A 295 12.75 -16.06 -10.12
CA LYS A 295 12.30 -15.62 -11.42
C LYS A 295 11.01 -16.25 -11.87
N ALA A 296 10.90 -17.60 -11.78
CA ALA A 296 9.61 -18.28 -12.00
C ALA A 296 8.43 -17.70 -11.16
N MET A 297 8.60 -17.60 -9.82
CA MET A 297 7.54 -17.04 -8.96
C MET A 297 7.16 -15.62 -9.37
N PHE A 298 8.17 -14.81 -9.73
CA PHE A 298 7.91 -13.42 -10.12
C PHE A 298 7.15 -13.36 -11.46
N GLU A 299 7.57 -14.15 -12.43
CA GLU A 299 6.86 -14.16 -13.72
C GLU A 299 5.40 -14.55 -13.56
N LYS A 300 5.13 -15.51 -12.71
CA LYS A 300 3.78 -15.91 -12.44
C LYS A 300 3.03 -14.76 -11.78
N SER A 301 3.61 -14.13 -10.76
CA SER A 301 2.92 -13.06 -10.02
C SER A 301 2.52 -12.00 -11.06
N VAL A 302 3.44 -11.69 -11.96
CA VAL A 302 3.21 -10.64 -12.94
C VAL A 302 2.09 -11.04 -13.94
N ASN A 303 2.12 -12.30 -14.35
CA ASN A 303 1.01 -12.81 -15.16
C ASN A 303 -0.38 -12.61 -14.50
N SER A 304 -0.50 -12.84 -13.20
CA SER A 304 -1.76 -12.53 -12.52
C SER A 304 -2.13 -11.09 -12.67
N VAL A 305 -1.15 -10.21 -12.44
CA VAL A 305 -1.39 -8.79 -12.60
C VAL A 305 -1.90 -8.46 -14.01
N LYS A 306 -1.22 -8.94 -15.05
CA LYS A 306 -1.71 -8.81 -16.45
C LYS A 306 -3.12 -9.34 -16.66
N GLY A 307 -3.42 -10.47 -16.03
CA GLY A 307 -4.76 -11.09 -16.06
C GLY A 307 -5.72 -10.06 -15.60
N LEU A 308 -5.44 -9.46 -14.44
CA LEU A 308 -6.37 -8.49 -13.85
C LEU A 308 -6.51 -7.23 -14.68
N ILE A 309 -5.40 -6.77 -15.25
CA ILE A 309 -5.48 -5.61 -16.10
C ILE A 309 -6.37 -5.89 -17.34
N GLU A 310 -6.31 -7.09 -17.92
CA GLU A 310 -7.12 -7.40 -19.08
C GLU A 310 -8.60 -7.41 -18.64
N ALA A 311 -8.89 -8.02 -17.49
CA ALA A 311 -10.23 -7.91 -16.91
C ALA A 311 -10.75 -6.47 -16.76
N CYS A 312 -9.86 -5.52 -16.39
CA CYS A 312 -10.28 -4.09 -16.28
C CYS A 312 -10.63 -3.43 -17.65
N LYS A 313 -9.76 -3.61 -18.61
CA LYS A 313 -10.06 -3.30 -20.01
C LYS A 313 -11.33 -4.00 -20.52
N SER A 314 -11.41 -5.33 -20.33
CA SER A 314 -12.62 -6.16 -20.62
C SER A 314 -13.90 -5.48 -20.21
N VAL A 315 -13.87 -4.66 -19.16
CA VAL A 315 -15.09 -4.03 -18.63
C VAL A 315 -15.13 -2.49 -18.69
N ASN A 316 -14.21 -1.83 -19.38
CA ASN A 316 -14.21 -0.33 -19.41
C ASN A 316 -13.58 0.21 -20.68
N ASP A 317 -14.33 1.06 -21.39
CA ASP A 317 -13.92 1.66 -22.68
C ASP A 317 -12.57 2.37 -22.59
N LYS A 318 -12.54 3.47 -21.83
CA LYS A 318 -11.36 4.34 -21.66
C LYS A 318 -9.98 3.61 -21.44
N LEU A 319 -9.96 2.43 -20.80
CA LEU A 319 -8.70 1.77 -20.40
C LEU A 319 -8.02 0.93 -21.49
CA CA B . 17.31 -4.51 -16.11
CA CA C . 12.44 2.42 18.34
O1 OAA D . -6.60 -8.44 2.00
O2 OAA D . -8.67 -7.64 1.77
O4 OAA D . -3.69 -7.48 2.83
O5 OAA D . -5.11 -7.16 4.44
O3 OAA D . -5.06 -5.43 1.34
C1 OAA D . -7.45 -7.47 2.03
C2 OAA D . -7.01 -6.08 2.51
C3 OAA D . -5.50 -6.03 2.33
C4 OAA D . -4.71 -6.88 3.26
N1 APR E . -15.85 7.90 -3.32
C2 APR E . -15.34 8.18 -2.10
N3 APR E . -15.45 7.29 -1.11
C4 APR E . -16.07 6.11 -1.29
C5 APR E . -16.64 5.74 -2.61
C6 APR E . -16.49 6.77 -3.61
N6 APR E . -16.96 6.56 -4.83
N7 APR E . -17.19 4.49 -2.51
C8 APR E . -17.01 4.09 -1.23
N9 APR E . -16.37 5.08 -0.51
C1' APR E . -15.92 4.99 0.84
C2' APR E . -16.88 4.27 1.72
O2' APR E . -17.98 5.12 2.10
C3' APR E . -15.96 3.88 2.87
O3' APR E . -16.11 4.83 3.95
O4' APR E . -14.64 4.25 0.84
C4' APR E . -14.55 3.85 2.22
C5' APR E . -13.95 2.47 2.31
O5' APR E . -13.82 2.20 3.70
PA APR E . -14.05 0.78 4.32
O1A APR E . -15.30 0.18 3.67
O2A APR E . -14.08 0.87 5.81
O3A APR E . -12.88 -0.19 3.76
PB APR E . -11.34 -0.25 4.37
O1B APR E . -11.16 1.18 4.79
O2B APR E . -11.16 -1.40 5.30
O5D APR E . -10.72 -0.70 2.92
C5D APR E . -10.60 0.25 1.87
O4D APR E . -8.62 -0.65 1.00
O1D APR E . -7.52 -2.52 1.88
C1D APR E . -8.36 -2.04 0.81
O2D APR E . -9.69 -4.02 0.07
C2D APR E . -9.70 -2.75 0.79
O3D APR E . -10.57 -1.79 -1.20
C3D APR E . -10.61 -1.67 0.21
C4D APR E . -9.96 -0.34 0.64
#